data_2TPS
#
_entry.id   2TPS
#
_cell.length_a   76.830
_cell.length_b   76.830
_cell.length_c   140.100
_cell.angle_alpha   90.00
_cell.angle_beta   90.00
_cell.angle_gamma   90.00
#
_symmetry.space_group_name_H-M   'P 43 21 2'
#
loop_
_entity.id
_entity.type
_entity.pdbx_description
1 polymer 'PROTEIN (THIAMIN PHOSPHATE SYNTHASE)'
2 non-polymer 'MAGNESIUM ION'
3 non-polymer 'THIAMIN PHOSPHATE'
4 non-polymer 'PYROPHOSPHATE 2-'
5 water water
#
_entity_poly.entity_id   1
_entity_poly.type   'polypeptide(L)'
_entity_poly.pdbx_seq_one_letter_code
;HHGIRMTRISREMMKELLSVYFIMGSNNTKADPVTVVQKALKGGATLYQFREKGGDALTGEARIKFAEKAQAACREAGVP
FIVNDDVELALNLKADGIHIGQEDANAKEVRAAIGDMILGVSAHTMSEVKQAEEDGADYVGLGPIYPTETKKDTRAVQGV
SLIEAVRRQGISIPIVGIGGITIDNAAPVIQAGADGVSMISAISQAEDPESAARKFREEIQTYKTGR
;
_entity_poly.pdbx_strand_id   A,B
#
# COMPACT_ATOMS: atom_id res chain seq x y z
N HIS A 2 -0.72 -10.17 -1.75
CA HIS A 2 0.26 -9.28 -2.36
C HIS A 2 0.55 -8.07 -1.49
N GLY A 3 1.53 -8.22 -0.60
CA GLY A 3 1.99 -7.18 0.29
C GLY A 3 3.17 -6.44 -0.25
N ILE A 4 3.86 -5.67 0.59
CA ILE A 4 5.05 -4.92 0.26
C ILE A 4 6.21 -5.87 0.00
N ARG A 5 6.77 -5.86 -1.20
CA ARG A 5 7.81 -6.83 -1.58
C ARG A 5 9.18 -6.46 -1.03
N MET A 6 9.97 -7.40 -0.57
CA MET A 6 11.33 -7.16 -0.13
C MET A 6 12.36 -7.89 -0.99
N THR A 7 11.88 -8.57 -2.03
CA THR A 7 12.69 -9.31 -2.98
C THR A 7 12.03 -9.14 -4.38
N ARG A 8 12.82 -9.27 -5.44
CA ARG A 8 12.21 -9.29 -6.78
C ARG A 8 11.24 -10.47 -6.86
N ILE A 9 10.18 -10.29 -7.66
CA ILE A 9 9.23 -11.36 -7.92
C ILE A 9 9.89 -12.53 -8.64
N SER A 10 9.50 -13.75 -8.26
CA SER A 10 10.07 -14.86 -9.06
C SER A 10 9.44 -15.02 -10.42
N ARG A 11 10.23 -15.57 -11.35
CA ARG A 11 9.70 -15.79 -12.71
C ARG A 11 8.53 -16.71 -12.67
N GLU A 12 8.44 -17.75 -11.86
CA GLU A 12 7.30 -18.63 -11.82
C GLU A 12 6.01 -17.87 -11.49
N MET A 13 5.95 -17.11 -10.43
CA MET A 13 4.82 -16.31 -9.99
C MET A 13 4.48 -15.20 -10.99
N MET A 14 5.46 -14.56 -11.57
CA MET A 14 5.25 -13.58 -12.60
C MET A 14 4.48 -14.18 -13.79
N LYS A 15 4.92 -15.37 -14.21
CA LYS A 15 4.26 -16.00 -15.38
C LYS A 15 2.86 -16.42 -15.04
N GLU A 16 2.50 -16.76 -13.82
CA GLU A 16 1.14 -17.10 -13.44
C GLU A 16 0.25 -15.86 -13.47
N LEU A 17 0.78 -14.74 -13.02
CA LEU A 17 -0.01 -13.51 -12.95
C LEU A 17 -0.39 -12.98 -14.33
N LEU A 18 0.45 -13.25 -15.34
CA LEU A 18 0.26 -12.73 -16.66
C LEU A 18 -0.87 -13.39 -17.45
N SER A 19 -1.40 -14.50 -16.95
CA SER A 19 -2.37 -15.35 -17.67
C SER A 19 -3.45 -14.54 -18.36
N VAL A 20 -4.26 -13.81 -17.58
CA VAL A 20 -5.34 -12.94 -18.07
C VAL A 20 -5.16 -11.54 -17.51
N TYR A 21 -4.49 -10.67 -18.26
CA TYR A 21 -4.01 -9.39 -17.78
C TYR A 21 -4.92 -8.27 -18.33
N PHE A 22 -5.86 -7.81 -17.52
CA PHE A 22 -6.84 -6.83 -17.98
C PHE A 22 -6.26 -5.42 -17.75
N ILE A 23 -6.40 -4.57 -18.77
CA ILE A 23 -5.92 -3.19 -18.73
C ILE A 23 -7.15 -2.27 -18.98
N MET A 24 -7.36 -1.21 -18.20
CA MET A 24 -8.51 -0.36 -18.46
C MET A 24 -8.35 1.05 -17.88
N GLY A 25 -8.94 2.02 -18.57
CA GLY A 25 -9.26 3.33 -18.05
C GLY A 25 -10.71 3.70 -18.30
N SER A 26 -11.13 4.87 -17.81
CA SER A 26 -12.53 5.29 -17.85
C SER A 26 -13.03 5.53 -19.26
N ASN A 27 -12.18 5.84 -20.17
CA ASN A 27 -12.53 6.13 -21.55
C ASN A 27 -12.56 4.88 -22.41
N ASN A 28 -12.40 3.68 -21.85
CA ASN A 28 -12.40 2.45 -22.58
C ASN A 28 -13.71 1.66 -22.48
N THR A 29 -14.72 2.19 -21.81
CA THR A 29 -16.01 1.55 -21.63
C THR A 29 -17.12 2.60 -21.58
N LYS A 30 -18.32 2.19 -22.01
CA LYS A 30 -19.48 3.02 -21.83
C LYS A 30 -20.16 2.76 -20.50
N ALA A 31 -19.80 1.72 -19.75
CA ALA A 31 -20.39 1.38 -18.47
C ALA A 31 -19.70 2.12 -17.33
N ASP A 32 -20.05 1.85 -16.09
CA ASP A 32 -19.36 2.46 -14.95
C ASP A 32 -17.96 1.84 -14.80
N PRO A 33 -16.89 2.61 -14.86
CA PRO A 33 -15.53 2.00 -14.94
C PRO A 33 -15.22 1.10 -13.76
N VAL A 34 -15.42 1.49 -12.51
CA VAL A 34 -15.08 0.59 -11.40
C VAL A 34 -15.90 -0.68 -11.40
N THR A 35 -17.17 -0.61 -11.83
CA THR A 35 -18.02 -1.79 -11.97
C THR A 35 -17.45 -2.81 -12.96
N VAL A 36 -16.93 -2.33 -14.09
CA VAL A 36 -16.33 -3.16 -15.12
C VAL A 36 -15.11 -3.90 -14.57
N VAL A 37 -14.28 -3.18 -13.83
CA VAL A 37 -13.08 -3.75 -13.21
C VAL A 37 -13.49 -4.85 -12.24
N GLN A 38 -14.51 -4.59 -11.40
CA GLN A 38 -15.02 -5.56 -10.45
C GLN A 38 -15.47 -6.83 -11.15
N LYS A 39 -16.22 -6.68 -12.22
CA LYS A 39 -16.75 -7.80 -12.96
C LYS A 39 -15.63 -8.60 -13.64
N ALA A 40 -14.65 -7.94 -14.24
CA ALA A 40 -13.50 -8.67 -14.79
C ALA A 40 -12.76 -9.49 -13.74
N LEU A 41 -12.53 -8.89 -12.55
CA LEU A 41 -11.85 -9.61 -11.46
C LEU A 41 -12.70 -10.78 -11.01
N LYS A 42 -14.00 -10.62 -10.85
CA LYS A 42 -14.86 -11.74 -10.45
C LYS A 42 -14.82 -12.88 -11.45
N GLY A 43 -14.79 -12.58 -12.74
CA GLY A 43 -14.74 -13.62 -13.77
C GLY A 43 -13.40 -14.34 -13.81
N GLY A 44 -12.29 -13.68 -13.48
CA GLY A 44 -11.05 -14.40 -13.44
C GLY A 44 -9.80 -13.70 -13.91
N ALA A 45 -9.80 -12.40 -14.14
CA ALA A 45 -8.55 -11.73 -14.50
C ALA A 45 -7.50 -11.94 -13.39
N THR A 46 -6.26 -12.17 -13.76
CA THR A 46 -5.19 -12.50 -12.82
C THR A 46 -4.31 -11.32 -12.47
N LEU A 47 -4.43 -10.21 -13.20
CA LEU A 47 -3.60 -9.01 -13.01
C LEU A 47 -4.38 -7.85 -13.63
N TYR A 48 -4.28 -6.64 -13.07
CA TYR A 48 -4.99 -5.48 -13.57
C TYR A 48 -4.04 -4.29 -13.69
N GLN A 49 -4.15 -3.57 -14.81
CA GLN A 49 -3.39 -2.35 -15.02
C GLN A 49 -4.29 -1.14 -15.15
N PHE A 50 -4.06 -0.16 -14.30
CA PHE A 50 -4.76 1.15 -14.32
C PHE A 50 -4.07 2.02 -15.36
N ARG A 51 -4.77 2.28 -16.45
CA ARG A 51 -4.26 3.04 -17.61
C ARG A 51 -5.26 4.14 -17.98
N GLU A 52 -5.00 5.35 -17.51
CA GLU A 52 -5.92 6.50 -17.60
C GLU A 52 -5.24 7.68 -18.26
N LYS A 53 -5.43 7.77 -19.56
CA LYS A 53 -4.65 8.70 -20.39
C LYS A 53 -5.36 9.04 -21.70
N GLY A 54 -5.04 10.23 -22.23
CA GLY A 54 -5.54 10.70 -23.52
C GLY A 54 -7.04 11.00 -23.54
N GLY A 55 -7.66 10.64 -24.66
CA GLY A 55 -9.08 10.82 -24.93
C GLY A 55 -9.72 11.78 -23.93
N ASP A 56 -10.84 11.35 -23.38
CA ASP A 56 -11.56 12.14 -22.41
C ASP A 56 -11.32 11.52 -21.03
N ALA A 57 -9.92 11.25 -20.78
CA ALA A 57 -9.60 10.55 -19.55
C ALA A 57 -9.76 11.53 -18.38
N LEU A 58 -9.90 11.02 -17.17
CA LEU A 58 -9.89 11.81 -15.96
C LEU A 58 -8.50 12.36 -15.67
N THR A 59 -8.44 13.48 -14.95
CA THR A 59 -7.20 14.11 -14.55
C THR A 59 -7.31 14.54 -13.11
N GLY A 60 -6.19 14.98 -12.56
CA GLY A 60 -6.27 15.57 -11.24
C GLY A 60 -6.73 14.63 -10.16
N GLU A 61 -7.36 15.23 -9.16
CA GLU A 61 -7.90 14.53 -8.02
C GLU A 61 -8.89 13.47 -8.45
N ALA A 62 -9.75 13.73 -9.42
CA ALA A 62 -10.70 12.76 -9.93
C ALA A 62 -9.99 11.50 -10.44
N ARG A 63 -8.85 11.64 -11.15
CA ARG A 63 -8.12 10.44 -11.59
C ARG A 63 -7.56 9.67 -10.42
N ILE A 64 -7.02 10.35 -9.41
CA ILE A 64 -6.45 9.69 -8.25
C ILE A 64 -7.51 8.92 -7.49
N LYS A 65 -8.69 9.51 -7.29
CA LYS A 65 -9.74 8.86 -6.54
C LYS A 65 -10.27 7.66 -7.31
N PHE A 66 -10.33 7.72 -8.65
CA PHE A 66 -10.64 6.53 -9.43
C PHE A 66 -9.59 5.44 -9.23
N ALA A 67 -8.32 5.77 -9.35
CA ALA A 67 -7.25 4.79 -9.08
C ALA A 67 -7.41 4.12 -7.72
N GLU A 68 -7.72 4.87 -6.64
CA GLU A 68 -7.87 4.28 -5.32
C GLU A 68 -9.04 3.26 -5.32
N LYS A 69 -10.15 3.55 -6.00
CA LYS A 69 -11.28 2.61 -6.06
C LYS A 69 -10.96 1.35 -6.85
N ALA A 70 -10.19 1.51 -7.95
CA ALA A 70 -9.77 0.34 -8.72
C ALA A 70 -8.80 -0.51 -7.89
N GLN A 71 -7.89 0.14 -7.16
CA GLN A 71 -6.96 -0.60 -6.29
C GLN A 71 -7.68 -1.37 -5.19
N ALA A 72 -8.73 -0.78 -4.64
CA ALA A 72 -9.51 -1.45 -3.60
C ALA A 72 -10.25 -2.65 -4.18
N ALA A 73 -10.76 -2.56 -5.41
CA ALA A 73 -11.37 -3.68 -6.11
C ALA A 73 -10.36 -4.82 -6.27
N CYS A 74 -9.12 -4.49 -6.59
CA CYS A 74 -8.09 -5.53 -6.77
C CYS A 74 -7.75 -6.20 -5.44
N ARG A 75 -7.62 -5.41 -4.36
CA ARG A 75 -7.42 -5.98 -3.03
C ARG A 75 -8.57 -6.90 -2.64
N GLU A 76 -9.80 -6.55 -2.89
CA GLU A 76 -10.90 -7.45 -2.54
C GLU A 76 -10.85 -8.75 -3.30
N ALA A 77 -10.35 -8.74 -4.54
CA ALA A 77 -10.25 -9.97 -5.32
C ALA A 77 -8.98 -10.75 -5.09
N GLY A 78 -7.96 -10.21 -4.41
CA GLY A 78 -6.67 -10.83 -4.24
C GLY A 78 -5.77 -10.74 -5.45
N VAL A 79 -5.91 -9.74 -6.33
CA VAL A 79 -5.13 -9.57 -7.57
C VAL A 79 -4.22 -8.36 -7.51
N PRO A 80 -3.00 -8.36 -8.02
CA PRO A 80 -2.11 -7.18 -7.91
C PRO A 80 -2.60 -6.06 -8.85
N PHE A 81 -2.29 -4.86 -8.44
CA PHE A 81 -2.64 -3.59 -9.10
C PHE A 81 -1.38 -2.95 -9.67
N ILE A 82 -1.36 -2.78 -10.99
CA ILE A 82 -0.24 -2.17 -11.71
C ILE A 82 -0.65 -0.80 -12.24
N VAL A 83 0.24 0.19 -12.20
CA VAL A 83 -0.04 1.50 -12.79
C VAL A 83 0.70 1.69 -14.10
N ASN A 84 0.00 2.15 -15.12
CA ASN A 84 0.71 2.53 -16.36
C ASN A 84 1.35 3.91 -16.23
N ASP A 85 2.58 4.02 -16.74
CA ASP A 85 3.34 5.25 -16.98
C ASP A 85 3.80 5.98 -15.73
N ASP A 86 2.94 6.23 -14.75
CA ASP A 86 3.04 7.26 -13.71
C ASP A 86 3.74 6.70 -12.48
N VAL A 87 5.06 6.91 -12.43
CA VAL A 87 5.83 6.38 -11.32
C VAL A 87 5.42 7.02 -10.01
N GLU A 88 5.18 8.32 -9.99
CA GLU A 88 4.78 8.94 -8.73
C GLU A 88 3.46 8.37 -8.20
N LEU A 89 2.48 8.14 -9.05
CA LEU A 89 1.20 7.55 -8.63
C LEU A 89 1.39 6.17 -8.06
N ALA A 90 2.18 5.34 -8.72
CA ALA A 90 2.49 4.02 -8.23
C ALA A 90 3.09 4.01 -6.81
N LEU A 91 4.04 4.93 -6.60
CA LEU A 91 4.66 5.04 -5.28
C LEU A 91 3.64 5.58 -4.27
N ASN A 92 2.86 6.59 -4.59
CA ASN A 92 1.93 7.20 -3.65
C ASN A 92 0.82 6.28 -3.23
N LEU A 93 0.32 5.42 -4.11
CA LEU A 93 -0.72 4.44 -3.81
C LEU A 93 -0.18 3.14 -3.23
N LYS A 94 1.12 2.91 -3.24
CA LYS A 94 1.70 1.62 -2.88
C LYS A 94 1.21 0.52 -3.80
N ALA A 95 1.18 0.86 -5.09
CA ALA A 95 0.81 -0.14 -6.11
C ALA A 95 1.73 -1.34 -6.08
N ASP A 96 1.25 -2.44 -6.63
CA ASP A 96 2.11 -3.62 -6.78
C ASP A 96 3.17 -3.45 -7.86
N GLY A 97 2.99 -2.54 -8.82
CA GLY A 97 3.96 -2.41 -9.90
C GLY A 97 3.62 -1.30 -10.86
N ILE A 98 4.48 -1.19 -11.86
CA ILE A 98 4.46 -0.14 -12.86
C ILE A 98 4.72 -0.74 -14.25
N HIS A 99 4.00 -0.25 -15.26
CA HIS A 99 4.27 -0.62 -16.65
C HIS A 99 4.71 0.63 -17.39
N ILE A 100 5.80 0.47 -18.17
CA ILE A 100 6.32 1.57 -18.98
C ILE A 100 6.60 1.11 -20.43
N GLY A 101 6.70 2.13 -21.31
CA GLY A 101 7.06 1.85 -22.70
C GLY A 101 8.35 2.55 -23.13
N GLN A 102 8.66 2.39 -24.42
CA GLN A 102 9.89 2.94 -24.97
C GLN A 102 9.94 4.44 -24.91
N GLU A 103 8.89 5.21 -24.82
CA GLU A 103 8.92 6.66 -24.78
C GLU A 103 8.74 7.25 -23.38
N ASP A 104 8.64 6.32 -22.44
CA ASP A 104 8.41 6.70 -21.04
C ASP A 104 9.72 6.89 -20.30
N ALA A 105 9.73 7.02 -18.98
CA ALA A 105 10.99 7.07 -18.24
C ALA A 105 11.80 5.81 -18.52
N ASN A 106 13.13 6.00 -18.63
CA ASN A 106 14.06 4.90 -18.81
C ASN A 106 13.94 3.82 -17.77
N ALA A 107 13.92 2.53 -18.15
CA ALA A 107 13.68 1.42 -17.29
C ALA A 107 14.67 1.40 -16.13
N LYS A 108 15.95 1.72 -16.38
CA LYS A 108 16.91 1.67 -15.28
C LYS A 108 16.59 2.66 -14.18
N GLU A 109 16.20 3.85 -14.55
CA GLU A 109 15.78 4.86 -13.58
C GLU A 109 14.49 4.45 -12.85
N VAL A 110 13.49 3.91 -13.56
CA VAL A 110 12.29 3.43 -12.89
C VAL A 110 12.64 2.29 -11.93
N ARG A 111 13.41 1.28 -12.35
CA ARG A 111 13.77 0.23 -11.44
C ARG A 111 14.45 0.79 -10.17
N ALA A 112 15.30 1.80 -10.31
CA ALA A 112 15.92 2.46 -9.15
C ALA A 112 14.88 3.07 -8.22
N ALA A 113 13.84 3.68 -8.76
CA ALA A 113 12.86 4.42 -7.99
C ALA A 113 11.85 3.54 -7.27
N ILE A 114 11.68 2.27 -7.69
CA ILE A 114 10.57 1.46 -7.18
C ILE A 114 10.96 0.28 -6.34
N GLY A 115 12.27 0.11 -6.07
CA GLY A 115 12.69 -0.97 -5.22
C GLY A 115 12.42 -2.33 -5.86
N ASP A 116 11.66 -3.15 -5.17
CA ASP A 116 11.37 -4.51 -5.59
C ASP A 116 9.95 -4.67 -6.17
N MET A 117 9.28 -3.58 -6.48
CA MET A 117 7.97 -3.61 -7.14
C MET A 117 8.06 -4.25 -8.53
N ILE A 118 6.92 -4.72 -9.04
CA ILE A 118 6.85 -5.35 -10.37
C ILE A 118 7.07 -4.28 -11.41
N LEU A 119 7.92 -4.57 -12.40
CA LEU A 119 8.21 -3.70 -13.52
C LEU A 119 7.94 -4.41 -14.86
N GLY A 120 7.03 -3.87 -15.64
CA GLY A 120 6.76 -4.29 -17.01
C GLY A 120 7.22 -3.28 -18.03
N VAL A 121 7.78 -3.77 -19.17
CA VAL A 121 8.21 -2.90 -20.28
C VAL A 121 7.60 -3.35 -21.61
N SER A 122 7.03 -2.41 -22.33
CA SER A 122 6.53 -2.71 -23.68
C SER A 122 7.75 -2.80 -24.61
N ALA A 123 7.80 -3.81 -25.47
CA ALA A 123 8.91 -3.96 -26.43
C ALA A 123 8.38 -4.53 -27.73
N HIS A 124 9.01 -4.12 -28.83
CA HIS A 124 8.59 -4.39 -30.20
C HIS A 124 9.68 -5.11 -31.01
N THR A 125 10.92 -5.15 -30.56
CA THR A 125 12.05 -5.72 -31.26
C THR A 125 12.89 -6.55 -30.32
N MET A 126 13.77 -7.41 -30.83
CA MET A 126 14.62 -8.22 -30.04
C MET A 126 15.62 -7.42 -29.19
N SER A 127 16.15 -6.32 -29.74
CA SER A 127 17.10 -5.59 -28.88
C SER A 127 16.38 -5.00 -27.67
N GLU A 128 15.15 -4.55 -27.79
CA GLU A 128 14.29 -3.95 -26.78
C GLU A 128 13.94 -4.97 -25.74
N VAL A 129 13.68 -6.23 -26.07
CA VAL A 129 13.50 -7.26 -25.07
C VAL A 129 14.77 -7.42 -24.27
N LYS A 130 15.91 -7.52 -24.98
CA LYS A 130 17.18 -7.76 -24.27
C LYS A 130 17.56 -6.58 -23.36
N GLN A 131 17.32 -5.40 -23.88
CA GLN A 131 17.56 -4.22 -23.06
C GLN A 131 16.68 -4.18 -21.82
N ALA A 132 15.38 -4.50 -22.00
CA ALA A 132 14.46 -4.53 -20.87
C ALA A 132 14.92 -5.50 -19.81
N GLU A 133 15.35 -6.71 -20.18
CA GLU A 133 15.89 -7.67 -19.26
C GLU A 133 17.15 -7.15 -18.54
N GLU A 134 18.07 -6.53 -19.27
CA GLU A 134 19.32 -6.02 -18.62
C GLU A 134 19.00 -4.83 -17.75
N ASP A 135 17.96 -4.06 -18.01
CA ASP A 135 17.50 -2.98 -17.15
C ASP A 135 16.74 -3.38 -15.90
N GLY A 136 16.36 -4.60 -15.66
CA GLY A 136 15.66 -5.03 -14.48
C GLY A 136 14.15 -5.20 -14.61
N ALA A 137 13.63 -5.30 -15.84
CA ALA A 137 12.18 -5.65 -15.95
C ALA A 137 11.86 -7.04 -15.47
N ASP A 138 10.67 -7.18 -14.87
CA ASP A 138 10.14 -8.47 -14.47
C ASP A 138 9.33 -9.16 -15.60
N TYR A 139 8.81 -8.40 -16.51
CA TYR A 139 8.09 -8.96 -17.68
C TYR A 139 8.21 -7.97 -18.78
N VAL A 140 7.94 -8.43 -20.03
CA VAL A 140 7.76 -7.62 -21.23
C VAL A 140 6.36 -7.82 -21.85
N GLY A 141 5.81 -6.75 -22.38
CA GLY A 141 4.54 -6.77 -23.15
C GLY A 141 4.89 -6.63 -24.62
N LEU A 142 4.62 -7.66 -25.41
CA LEU A 142 4.99 -7.70 -26.81
C LEU A 142 3.77 -7.58 -27.72
N GLY A 143 3.91 -6.69 -28.72
CA GLY A 143 2.86 -6.53 -29.68
C GLY A 143 3.05 -5.31 -30.54
N PRO A 144 2.07 -4.87 -31.28
CA PRO A 144 0.73 -5.47 -31.26
C PRO A 144 0.61 -6.74 -32.08
N ILE A 145 0.01 -7.76 -31.51
CA ILE A 145 -0.12 -9.09 -32.13
C ILE A 145 -1.05 -8.97 -33.32
N TYR A 146 -2.16 -8.28 -33.12
CA TYR A 146 -3.25 -8.15 -34.07
C TYR A 146 -3.65 -6.68 -34.16
N PRO A 147 -4.35 -6.25 -35.21
CA PRO A 147 -4.74 -4.85 -35.32
C PRO A 147 -5.65 -4.38 -34.17
N THR A 148 -5.37 -3.13 -33.80
CA THR A 148 -6.10 -2.51 -32.68
C THR A 148 -6.09 -1.00 -32.87
N GLU A 149 -7.15 -0.39 -32.39
CA GLU A 149 -7.37 1.06 -32.42
C GLU A 149 -7.43 1.66 -31.01
N THR A 150 -7.41 0.81 -29.98
CA THR A 150 -7.65 1.34 -28.62
C THR A 150 -6.56 2.30 -28.22
N LYS A 151 -5.32 1.92 -28.56
CA LYS A 151 -4.15 2.75 -28.39
C LYS A 151 -3.81 3.31 -29.78
N LYS A 152 -3.65 4.63 -29.84
CA LYS A 152 -3.61 5.39 -31.08
C LYS A 152 -2.35 5.19 -31.91
N ASP A 153 -1.23 5.32 -31.22
CA ASP A 153 0.11 5.41 -31.74
C ASP A 153 0.86 4.11 -31.75
N THR A 154 0.27 3.05 -32.29
CA THR A 154 1.01 1.81 -32.08
C THR A 154 2.03 1.56 -33.19
N ARG A 155 2.95 0.66 -32.86
CA ARG A 155 3.95 0.15 -33.79
C ARG A 155 3.29 -0.87 -34.73
N ALA A 156 4.02 -1.30 -35.76
CA ALA A 156 3.43 -2.19 -36.76
C ALA A 156 3.00 -3.55 -36.21
N VAL A 157 1.93 -4.07 -36.76
CA VAL A 157 1.37 -5.39 -36.35
C VAL A 157 2.35 -6.50 -36.62
N GLN A 158 2.67 -7.34 -35.65
CA GLN A 158 3.73 -8.33 -35.73
C GLN A 158 3.32 -9.77 -35.52
N GLY A 159 2.02 -10.04 -35.33
CA GLY A 159 1.63 -11.42 -35.06
C GLY A 159 2.42 -11.97 -33.87
N VAL A 160 2.73 -13.27 -33.90
CA VAL A 160 3.49 -13.91 -32.85
C VAL A 160 4.97 -14.03 -33.18
N SER A 161 5.40 -13.29 -34.18
CA SER A 161 6.79 -13.46 -34.66
C SER A 161 7.86 -13.17 -33.63
N LEU A 162 7.70 -12.07 -32.90
CA LEU A 162 8.71 -11.72 -31.88
C LEU A 162 8.70 -12.68 -30.71
N ILE A 163 7.54 -13.11 -30.21
CA ILE A 163 7.43 -14.11 -29.19
C ILE A 163 8.20 -15.37 -29.56
N GLU A 164 8.00 -15.89 -30.77
CA GLU A 164 8.71 -17.10 -31.19
C GLU A 164 10.21 -16.84 -31.28
N ALA A 165 10.60 -15.67 -31.75
CA ALA A 165 12.02 -15.37 -31.94
C ALA A 165 12.74 -15.26 -30.60
N VAL A 166 12.08 -14.75 -29.57
CA VAL A 166 12.65 -14.62 -28.23
C VAL A 166 12.80 -15.99 -27.64
N ARG A 167 11.84 -16.88 -27.78
CA ARG A 167 11.95 -18.23 -27.23
C ARG A 167 13.04 -19.00 -28.01
N ARG A 168 13.18 -18.75 -29.31
CA ARG A 168 14.23 -19.42 -30.10
C ARG A 168 15.60 -19.01 -29.61
N GLN A 169 15.81 -17.77 -29.21
CA GLN A 169 17.11 -17.34 -28.72
C GLN A 169 17.36 -17.77 -27.28
N GLY A 170 16.51 -18.61 -26.76
CA GLY A 170 16.66 -19.23 -25.45
C GLY A 170 16.31 -18.36 -24.27
N ILE A 171 15.62 -17.25 -24.53
CA ILE A 171 15.32 -16.29 -23.45
C ILE A 171 14.05 -16.70 -22.71
N SER A 172 14.10 -16.75 -21.39
CA SER A 172 13.02 -17.25 -20.59
C SER A 172 12.24 -16.17 -19.80
N ILE A 173 12.45 -14.91 -20.10
CA ILE A 173 11.75 -13.83 -19.42
C ILE A 173 10.24 -14.02 -19.53
N PRO A 174 9.47 -13.62 -18.52
CA PRO A 174 8.00 -13.59 -18.64
C PRO A 174 7.54 -12.66 -19.76
N ILE A 175 6.70 -13.22 -20.64
CA ILE A 175 6.11 -12.52 -21.77
C ILE A 175 4.55 -12.47 -21.75
N VAL A 176 3.98 -11.28 -21.93
CA VAL A 176 2.54 -11.21 -22.21
C VAL A 176 2.39 -10.62 -23.60
N GLY A 177 1.49 -11.26 -24.38
CA GLY A 177 1.10 -10.71 -25.66
C GLY A 177 0.02 -9.66 -25.52
N ILE A 178 0.01 -8.65 -26.38
CA ILE A 178 -1.03 -7.60 -26.36
C ILE A 178 -1.33 -7.10 -27.77
N GLY A 179 -2.53 -6.61 -27.99
CA GLY A 179 -2.96 -5.90 -29.18
C GLY A 179 -4.03 -6.66 -29.95
N GLY A 180 -5.29 -6.28 -29.85
CA GLY A 180 -6.37 -6.89 -30.61
C GLY A 180 -6.66 -8.32 -30.21
N ILE A 181 -6.31 -8.68 -28.96
CA ILE A 181 -6.59 -10.03 -28.52
C ILE A 181 -8.02 -10.25 -28.09
N THR A 182 -8.63 -11.29 -28.64
CA THR A 182 -9.97 -11.73 -28.29
C THR A 182 -9.97 -13.19 -27.88
N ILE A 183 -11.13 -13.70 -27.43
CA ILE A 183 -11.18 -15.10 -27.07
C ILE A 183 -10.95 -15.99 -28.29
N ASP A 184 -11.33 -15.59 -29.46
CA ASP A 184 -11.12 -16.29 -30.72
C ASP A 184 -9.68 -16.37 -31.21
N ASN A 185 -8.78 -15.47 -30.81
CA ASN A 185 -7.43 -15.48 -31.32
C ASN A 185 -6.34 -15.55 -30.25
N ALA A 186 -6.70 -15.82 -29.01
CA ALA A 186 -5.72 -15.88 -27.92
C ALA A 186 -4.85 -17.12 -28.00
N ALA A 187 -5.39 -18.29 -28.35
CA ALA A 187 -4.61 -19.53 -28.20
C ALA A 187 -3.28 -19.46 -28.88
N PRO A 188 -3.16 -18.99 -30.11
CA PRO A 188 -1.86 -19.00 -30.76
C PRO A 188 -0.80 -18.15 -30.05
N VAL A 189 -1.22 -17.12 -29.29
CA VAL A 189 -0.26 -16.30 -28.56
C VAL A 189 0.42 -17.19 -27.47
N ILE A 190 -0.36 -17.99 -26.79
CA ILE A 190 0.16 -18.95 -25.79
C ILE A 190 0.96 -20.08 -26.43
N GLN A 191 0.51 -20.58 -27.59
CA GLN A 191 1.25 -21.67 -28.27
C GLN A 191 2.58 -21.17 -28.74
N ALA A 192 2.76 -19.91 -29.13
CA ALA A 192 4.03 -19.38 -29.57
C ALA A 192 5.01 -19.22 -28.43
N GLY A 193 4.57 -19.33 -27.17
CA GLY A 193 5.45 -19.26 -26.03
C GLY A 193 5.19 -18.15 -25.04
N ALA A 194 4.12 -17.36 -25.18
CA ALA A 194 3.80 -16.36 -24.19
C ALA A 194 3.26 -17.02 -22.91
N ASP A 195 3.41 -16.27 -21.81
CA ASP A 195 2.93 -16.66 -20.50
C ASP A 195 1.53 -16.16 -20.22
N GLY A 196 0.98 -15.34 -21.11
CA GLY A 196 -0.36 -14.81 -20.93
C GLY A 196 -0.77 -13.93 -22.10
N VAL A 197 -2.00 -13.46 -22.00
CA VAL A 197 -2.54 -12.45 -22.90
C VAL A 197 -3.04 -11.25 -22.08
N SER A 198 -2.93 -10.04 -22.65
CA SER A 198 -3.46 -8.81 -22.10
C SER A 198 -4.45 -8.19 -23.09
N MET A 199 -5.47 -7.54 -22.54
CA MET A 199 -6.54 -6.96 -23.33
C MET A 199 -7.16 -5.77 -22.62
N ILE A 200 -7.71 -4.86 -23.45
CA ILE A 200 -8.61 -3.80 -23.05
C ILE A 200 -10.01 -4.13 -23.60
N SER A 201 -10.27 -3.90 -24.87
CA SER A 201 -11.61 -3.88 -25.43
C SER A 201 -12.38 -5.17 -25.34
N ALA A 202 -11.69 -6.30 -25.49
CA ALA A 202 -12.38 -7.59 -25.47
C ALA A 202 -13.17 -7.83 -24.19
N ILE A 203 -12.71 -7.28 -23.07
CA ILE A 203 -13.40 -7.29 -21.80
C ILE A 203 -14.15 -5.99 -21.53
N SER A 204 -13.50 -4.83 -21.62
CA SER A 204 -14.13 -3.56 -21.21
C SER A 204 -15.40 -3.20 -21.99
N GLN A 205 -15.47 -3.61 -23.27
CA GLN A 205 -16.60 -3.30 -24.13
C GLN A 205 -17.50 -4.50 -24.36
N ALA A 206 -17.33 -5.56 -23.63
CA ALA A 206 -18.19 -6.75 -23.70
C ALA A 206 -19.55 -6.44 -23.09
N GLU A 207 -20.58 -7.06 -23.68
CA GLU A 207 -21.89 -7.00 -23.06
C GLU A 207 -21.85 -7.49 -21.63
N ASP A 208 -21.01 -8.53 -21.46
CA ASP A 208 -20.90 -9.18 -20.14
C ASP A 208 -19.44 -9.39 -19.77
N PRO A 209 -18.83 -8.41 -19.09
CA PRO A 209 -17.38 -8.48 -18.82
C PRO A 209 -17.01 -9.63 -17.92
N GLU A 210 -17.82 -10.02 -16.94
CA GLU A 210 -17.57 -11.17 -16.10
C GLU A 210 -17.43 -12.46 -16.89
N SER A 211 -18.38 -12.71 -17.78
CA SER A 211 -18.31 -13.95 -18.55
C SER A 211 -17.14 -13.91 -19.54
N ALA A 212 -16.83 -12.72 -20.07
CA ALA A 212 -15.69 -12.61 -20.99
C ALA A 212 -14.37 -12.95 -20.27
N ALA A 213 -14.19 -12.48 -19.03
CA ALA A 213 -13.01 -12.77 -18.23
C ALA A 213 -12.90 -14.23 -17.86
N ARG A 214 -14.07 -14.82 -17.54
CA ARG A 214 -14.07 -16.25 -17.20
C ARG A 214 -13.70 -17.11 -18.40
N LYS A 215 -14.22 -16.80 -19.56
CA LYS A 215 -13.89 -17.58 -20.76
C LYS A 215 -12.42 -17.47 -21.07
N PHE A 216 -11.83 -16.27 -20.99
CA PHE A 216 -10.37 -16.13 -21.15
C PHE A 216 -9.64 -16.96 -20.11
N ARG A 217 -9.99 -16.94 -18.83
CA ARG A 217 -9.29 -17.73 -17.85
C ARG A 217 -9.31 -19.23 -18.14
N GLU A 218 -10.47 -19.75 -18.50
CA GLU A 218 -10.58 -21.18 -18.88
C GLU A 218 -9.75 -21.54 -20.09
N GLU A 219 -9.79 -20.79 -21.15
CA GLU A 219 -9.06 -21.02 -22.39
C GLU A 219 -7.56 -20.92 -22.16
N ILE A 220 -7.05 -19.87 -21.53
CA ILE A 220 -5.65 -19.71 -21.28
C ILE A 220 -5.10 -20.83 -20.41
N GLN A 221 -5.83 -21.27 -19.39
CA GLN A 221 -5.36 -22.41 -18.58
C GLN A 221 -5.14 -23.67 -19.44
N THR A 222 -6.10 -23.96 -20.27
CA THR A 222 -6.06 -25.11 -21.18
C THR A 222 -4.83 -25.03 -22.05
N TYR A 223 -4.61 -23.88 -22.69
CA TYR A 223 -3.50 -23.76 -23.62
C TYR A 223 -2.14 -23.70 -22.98
N LYS A 224 -2.03 -23.20 -21.74
CA LYS A 224 -0.73 -23.24 -21.06
C LYS A 224 -0.39 -24.67 -20.72
N THR A 225 -1.36 -25.49 -20.31
CA THR A 225 -1.05 -26.92 -20.06
C THR A 225 -0.76 -27.63 -21.35
N GLY A 226 -1.40 -27.34 -22.46
CA GLY A 226 -1.24 -27.99 -23.73
C GLY A 226 -0.13 -27.51 -24.63
N ARG A 227 0.71 -26.55 -24.23
CA ARG A 227 1.96 -26.15 -24.82
C ARG A 227 3.04 -26.00 -23.74
N HIS B 1 -1.05 11.57 -0.08
CA HIS B 1 -0.86 10.17 0.22
C HIS B 1 0.42 9.96 1.01
N HIS B 2 0.45 8.88 1.79
CA HIS B 2 1.73 8.42 2.37
C HIS B 2 2.11 7.15 1.63
N GLY B 3 3.02 7.33 0.70
CA GLY B 3 3.36 6.23 -0.18
C GLY B 3 4.45 5.34 0.36
N ILE B 4 4.93 4.46 -0.53
CA ILE B 4 6.00 3.58 -0.09
C ILE B 4 7.28 4.42 0.14
N ARG B 5 7.96 4.09 1.22
CA ARG B 5 9.20 4.77 1.55
C ARG B 5 10.41 4.06 0.97
N MET B 6 11.30 4.88 0.42
CA MET B 6 12.61 4.37 -0.03
C MET B 6 13.75 4.94 0.78
N THR B 7 13.48 5.79 1.76
CA THR B 7 14.38 6.34 2.74
C THR B 7 13.56 6.45 4.05
N ARG B 8 14.23 6.45 5.19
CA ARG B 8 13.52 6.65 6.47
C ARG B 8 12.96 8.05 6.55
N ILE B 9 11.82 8.15 7.25
CA ILE B 9 11.15 9.42 7.50
C ILE B 9 12.11 10.41 8.17
N SER B 10 12.00 11.66 7.80
CA SER B 10 12.76 12.74 8.45
C SER B 10 12.28 12.91 9.89
N ARG B 11 13.19 13.28 10.79
CA ARG B 11 12.81 13.60 12.17
C ARG B 11 11.75 14.67 12.23
N GLU B 12 11.91 15.75 11.45
CA GLU B 12 10.92 16.81 11.42
C GLU B 12 9.52 16.33 11.02
N MET B 13 9.36 15.51 9.98
CA MET B 13 8.05 15.02 9.58
C MET B 13 7.45 14.02 10.58
N MET B 14 8.31 13.22 11.21
CA MET B 14 7.84 12.33 12.25
C MET B 14 7.21 13.08 13.45
N LYS B 15 7.91 14.11 13.88
CA LYS B 15 7.47 14.93 15.00
C LYS B 15 6.13 15.58 14.68
N GLU B 16 5.82 15.97 13.46
CA GLU B 16 4.51 16.54 13.14
C GLU B 16 3.42 15.49 13.27
N LEU B 17 3.70 14.27 12.79
CA LEU B 17 2.71 13.21 12.83
C LEU B 17 2.28 12.80 14.24
N LEU B 18 3.20 12.95 15.17
CA LEU B 18 2.96 12.49 16.52
C LEU B 18 2.01 13.37 17.33
N SER B 19 1.61 14.57 16.87
CA SER B 19 0.88 15.55 17.63
C SER B 19 -0.31 14.98 18.40
N VAL B 20 -1.24 14.36 17.68
CA VAL B 20 -2.42 13.73 18.25
C VAL B 20 -2.55 12.31 17.71
N TYR B 21 -2.01 11.33 18.45
CA TYR B 21 -1.82 9.95 17.99
C TYR B 21 -2.90 9.05 18.61
N PHE B 22 -3.96 8.77 17.85
CA PHE B 22 -5.08 7.97 18.35
C PHE B 22 -4.78 6.49 18.22
N ILE B 23 -5.04 5.69 19.23
CA ILE B 23 -4.88 4.25 19.18
C ILE B 23 -6.23 3.62 19.51
N MET B 24 -6.64 2.59 18.74
CA MET B 24 -7.93 2.00 19.02
C MET B 24 -8.06 0.60 18.47
N GLY B 25 -8.79 -0.25 19.19
CA GLY B 25 -9.37 -1.49 18.75
C GLY B 25 -10.87 -1.52 19.02
N SER B 26 -11.52 -2.56 18.47
CA SER B 26 -12.99 -2.66 18.56
C SER B 26 -13.44 -2.74 19.99
N ASN B 27 -12.65 -3.30 20.88
CA ASN B 27 -12.96 -3.49 22.27
C ASN B 27 -12.61 -2.31 23.13
N ASN B 28 -12.41 -1.12 22.56
CA ASN B 28 -12.20 0.10 23.30
C ASN B 28 -13.37 1.08 23.22
N THR B 29 -14.47 0.63 22.61
CA THR B 29 -15.64 1.48 22.49
C THR B 29 -16.92 0.64 22.52
N LYS B 30 -18.01 1.33 22.88
CA LYS B 30 -19.36 0.76 22.81
C LYS B 30 -20.11 1.33 21.64
N ALA B 31 -19.56 2.31 20.95
CA ALA B 31 -20.10 2.90 19.73
C ALA B 31 -19.74 2.06 18.51
N ASP B 32 -20.03 2.52 17.29
CA ASP B 32 -19.59 1.76 16.09
C ASP B 32 -18.08 1.91 15.91
N PRO B 33 -17.25 0.87 15.94
CA PRO B 33 -15.79 1.05 15.91
C PRO B 33 -15.25 1.82 14.74
N VAL B 34 -15.67 1.52 13.48
CA VAL B 34 -15.16 2.24 12.35
C VAL B 34 -15.55 3.72 12.40
N THR B 35 -16.76 3.99 12.84
CA THR B 35 -17.28 5.36 12.96
C THR B 35 -16.46 6.18 13.95
N VAL B 36 -16.06 5.60 15.06
CA VAL B 36 -15.19 6.32 16.03
C VAL B 36 -13.87 6.70 15.38
N VAL B 37 -13.24 5.79 14.65
CA VAL B 37 -12.00 6.08 13.95
C VAL B 37 -12.20 7.24 12.98
N GLN B 38 -13.28 7.15 12.18
CA GLN B 38 -13.55 8.23 11.23
C GLN B 38 -13.76 9.57 11.92
N LYS B 39 -14.50 9.63 13.03
CA LYS B 39 -14.74 10.89 13.73
C LYS B 39 -13.46 11.46 14.30
N ALA B 40 -12.56 10.59 14.83
CA ALA B 40 -11.29 11.06 15.38
C ALA B 40 -10.40 11.70 14.32
N LEU B 41 -10.38 11.05 13.14
CA LEU B 41 -9.64 11.62 12.03
C LEU B 41 -10.26 12.95 11.58
N LYS B 42 -11.58 12.99 11.42
CA LYS B 42 -12.28 14.23 11.06
C LYS B 42 -11.94 15.39 12.00
N GLY B 43 -11.87 15.13 13.28
CA GLY B 43 -11.61 16.10 14.33
C GLY B 43 -10.19 16.60 14.33
N GLY B 44 -9.25 15.83 13.80
CA GLY B 44 -7.85 16.26 13.75
C GLY B 44 -6.80 15.29 14.21
N ALA B 45 -7.04 14.04 14.53
CA ALA B 45 -5.94 13.11 14.83
C ALA B 45 -4.94 13.11 13.69
N THR B 46 -3.63 13.14 13.98
CA THR B 46 -2.57 13.22 13.01
C THR B 46 -1.95 11.88 12.68
N LEU B 47 -2.24 10.83 13.46
CA LEU B 47 -1.68 9.50 13.25
C LEU B 47 -2.66 8.53 13.90
N TYR B 48 -2.83 7.31 13.38
CA TYR B 48 -3.72 6.31 13.92
C TYR B 48 -3.02 4.96 14.04
N GLN B 49 -3.18 4.27 15.17
CA GLN B 49 -2.66 2.91 15.35
C GLN B 49 -3.76 1.90 15.56
N PHE B 50 -3.72 0.83 14.73
CA PHE B 50 -4.63 -0.30 14.88
C PHE B 50 -4.07 -1.25 15.94
N ARG B 51 -4.77 -1.37 17.06
CA ARG B 51 -4.36 -2.22 18.19
C ARG B 51 -5.55 -3.05 18.62
N GLU B 52 -5.55 -4.33 18.34
CA GLU B 52 -6.72 -5.22 18.48
C GLU B 52 -6.22 -6.45 19.25
N LYS B 53 -6.30 -6.39 20.57
CA LYS B 53 -5.77 -7.47 21.42
C LYS B 53 -6.48 -7.52 22.75
N GLY B 54 -6.33 -8.63 23.49
CA GLY B 54 -7.15 -8.80 24.70
C GLY B 54 -8.28 -9.78 24.51
N GLY B 55 -8.78 -10.38 25.59
CA GLY B 55 -9.73 -11.46 25.59
C GLY B 55 -10.85 -11.45 24.57
N ASP B 56 -11.50 -10.32 24.36
CA ASP B 56 -12.67 -10.00 23.59
C ASP B 56 -12.37 -9.31 22.24
N ALA B 57 -11.07 -9.27 21.94
CA ALA B 57 -10.57 -8.80 20.65
C ALA B 57 -11.08 -9.63 19.50
N LEU B 58 -11.31 -9.00 18.37
CA LEU B 58 -11.64 -9.66 17.13
C LEU B 58 -10.45 -10.55 16.76
N THR B 59 -10.76 -11.65 16.08
CA THR B 59 -9.80 -12.59 15.53
C THR B 59 -10.09 -12.89 14.07
N GLY B 60 -9.21 -13.53 13.35
CA GLY B 60 -9.41 -14.07 12.03
C GLY B 60 -10.01 -13.04 11.09
N GLU B 61 -11.02 -13.44 10.33
CA GLU B 61 -11.50 -12.54 9.29
C GLU B 61 -12.08 -11.23 9.80
N ALA B 62 -12.81 -11.27 10.91
CA ALA B 62 -13.41 -10.06 11.46
C ALA B 62 -12.32 -9.08 11.85
N ARG B 63 -11.17 -9.56 12.36
CA ARG B 63 -10.02 -8.70 12.68
C ARG B 63 -9.42 -8.07 11.45
N ILE B 64 -9.16 -8.82 10.36
CA ILE B 64 -8.56 -8.31 9.16
C ILE B 64 -9.50 -7.32 8.47
N LYS B 65 -10.82 -7.57 8.45
CA LYS B 65 -11.73 -6.65 7.78
C LYS B 65 -11.88 -5.33 8.55
N PHE B 66 -11.84 -5.39 9.88
CA PHE B 66 -11.82 -4.16 10.68
C PHE B 66 -10.58 -3.36 10.35
N ALA B 67 -9.41 -4.02 10.34
CA ALA B 67 -8.15 -3.32 10.05
C ALA B 67 -8.23 -2.63 8.70
N GLU B 68 -8.76 -3.32 7.69
CA GLU B 68 -8.88 -2.80 6.35
C GLU B 68 -9.79 -1.57 6.32
N LYS B 69 -10.91 -1.60 7.02
CA LYS B 69 -11.79 -0.41 7.05
C LYS B 69 -11.16 0.78 7.75
N ALA B 70 -10.43 0.52 8.85
CA ALA B 70 -9.70 1.58 9.51
C ALA B 70 -8.60 2.16 8.63
N GLN B 71 -7.88 1.30 7.88
CA GLN B 71 -6.88 1.80 6.96
C GLN B 71 -7.53 2.63 5.85
N ALA B 72 -8.70 2.23 5.35
CA ALA B 72 -9.39 3.02 4.32
C ALA B 72 -9.80 4.40 4.83
N ALA B 73 -10.22 4.48 6.10
CA ALA B 73 -10.54 5.76 6.71
C ALA B 73 -9.30 6.66 6.84
N CYS B 74 -8.16 6.06 7.14
CA CYS B 74 -6.90 6.84 7.19
C CYS B 74 -6.50 7.34 5.82
N ARG B 75 -6.66 6.54 4.76
CA ARG B 75 -6.35 6.98 3.39
C ARG B 75 -7.27 8.14 3.01
N GLU B 76 -8.56 8.05 3.32
CA GLU B 76 -9.46 9.15 2.98
C GLU B 76 -9.13 10.46 3.68
N ALA B 77 -8.61 10.39 4.91
CA ALA B 77 -8.25 11.55 5.71
C ALA B 77 -6.85 12.05 5.41
N GLY B 78 -6.04 11.34 4.66
CA GLY B 78 -4.62 11.62 4.44
C GLY B 78 -3.78 11.50 5.70
N VAL B 79 -3.99 10.49 6.53
CA VAL B 79 -3.28 10.18 7.77
C VAL B 79 -2.63 8.83 7.73
N PRO B 80 -1.41 8.68 8.25
CA PRO B 80 -0.78 7.34 8.16
C PRO B 80 -1.45 6.35 9.11
N PHE B 81 -1.44 5.11 8.72
CA PHE B 81 -2.02 3.95 9.38
C PHE B 81 -0.90 3.03 9.91
N ILE B 82 -0.81 2.88 11.24
CA ILE B 82 0.21 2.11 11.94
C ILE B 82 -0.41 0.84 12.49
N VAL B 83 0.25 -0.31 12.37
CA VAL B 83 -0.20 -1.56 12.98
C VAL B 83 0.59 -1.86 14.25
N ASN B 84 -0.09 -2.18 15.35
CA ASN B 84 0.59 -2.64 16.57
C ASN B 84 1.00 -4.11 16.42
N ASP B 85 2.22 -4.44 16.79
CA ASP B 85 2.79 -5.78 17.09
C ASP B 85 3.01 -6.63 15.86
N ASP B 86 2.07 -6.69 14.92
CA ASP B 86 2.05 -7.73 13.88
C ASP B 86 2.75 -7.39 12.59
N VAL B 87 3.99 -7.84 12.45
CA VAL B 87 4.81 -7.49 11.29
C VAL B 87 4.18 -7.99 10.01
N GLU B 88 3.71 -9.24 10.05
CA GLU B 88 3.12 -9.87 8.89
C GLU B 88 1.94 -9.08 8.39
N LEU B 89 1.08 -8.61 9.31
CA LEU B 89 -0.09 -7.85 8.92
C LEU B 89 0.33 -6.48 8.35
N ALA B 90 1.32 -5.85 8.96
CA ALA B 90 1.83 -4.59 8.40
C ALA B 90 2.30 -4.70 6.97
N LEU B 91 3.05 -5.78 6.69
CA LEU B 91 3.54 -6.01 5.34
C LEU B 91 2.40 -6.36 4.40
N ASN B 92 1.46 -7.17 4.84
CA ASN B 92 0.37 -7.66 3.96
C ASN B 92 -0.61 -6.58 3.60
N LEU B 93 -0.97 -5.71 4.52
CA LEU B 93 -1.87 -4.59 4.33
C LEU B 93 -1.19 -3.41 3.66
N LYS B 94 0.12 -3.39 3.65
CA LYS B 94 0.94 -2.27 3.22
C LYS B 94 0.67 -1.08 4.11
N ALA B 95 0.80 -1.27 5.41
CA ALA B 95 0.70 -0.23 6.41
C ALA B 95 1.78 0.85 6.24
N ASP B 96 1.51 2.02 6.82
CA ASP B 96 2.54 3.06 6.81
C ASP B 96 3.58 2.84 7.89
N GLY B 97 3.34 1.92 8.83
CA GLY B 97 4.30 1.70 9.88
C GLY B 97 3.86 0.62 10.86
N ILE B 98 4.71 0.32 11.81
CA ILE B 98 4.50 -0.69 12.86
C ILE B 98 5.00 -0.12 14.19
N HIS B 99 4.29 -0.49 15.26
CA HIS B 99 4.70 -0.15 16.63
C HIS B 99 4.94 -1.47 17.37
N ILE B 100 6.06 -1.54 18.08
CA ILE B 100 6.46 -2.70 18.86
C ILE B 100 6.87 -2.32 20.28
N GLY B 101 6.79 -3.31 21.19
CA GLY B 101 7.24 -3.09 22.54
C GLY B 101 8.42 -3.96 22.89
N GLN B 102 8.80 -3.91 24.16
CA GLN B 102 9.99 -4.58 24.68
C GLN B 102 9.84 -6.08 24.71
N GLU B 103 8.66 -6.69 24.66
CA GLU B 103 8.48 -8.13 24.64
C GLU B 103 8.05 -8.63 23.25
N ASP B 104 8.02 -7.77 22.24
CA ASP B 104 7.71 -8.15 20.86
C ASP B 104 8.98 -8.44 20.12
N ALA B 105 8.94 -8.58 18.80
CA ALA B 105 10.15 -8.90 18.04
C ALA B 105 11.23 -7.85 18.26
N ASN B 106 12.51 -8.28 18.24
CA ASN B 106 13.65 -7.40 18.37
C ASN B 106 13.61 -6.28 17.32
N ALA B 107 13.81 -5.03 17.70
CA ALA B 107 13.74 -3.88 16.82
C ALA B 107 14.66 -3.97 15.63
N LYS B 108 15.89 -4.48 15.80
CA LYS B 108 16.77 -4.59 14.63
C LYS B 108 16.21 -5.57 13.58
N GLU B 109 15.65 -6.69 14.01
CA GLU B 109 14.98 -7.68 13.14
C GLU B 109 13.80 -7.05 12.42
N VAL B 110 12.97 -6.31 13.14
CA VAL B 110 11.82 -5.63 12.53
C VAL B 110 12.26 -4.51 11.60
N ARG B 111 13.25 -3.70 11.93
CA ARG B 111 13.75 -2.66 11.09
C ARG B 111 14.13 -3.22 9.75
N ALA B 112 14.77 -4.39 9.71
CA ALA B 112 15.13 -4.96 8.42
C ALA B 112 13.91 -5.54 7.69
N ALA B 113 13.01 -6.19 8.40
CA ALA B 113 11.85 -6.79 7.73
C ALA B 113 10.95 -5.80 7.02
N ILE B 114 10.74 -4.61 7.58
CA ILE B 114 9.76 -3.65 7.09
C ILE B 114 10.30 -2.59 6.18
N GLY B 115 11.53 -2.73 5.70
CA GLY B 115 12.16 -1.76 4.85
C GLY B 115 12.17 -0.38 5.50
N ASP B 116 11.71 0.69 4.87
CA ASP B 116 11.80 2.04 5.36
C ASP B 116 10.51 2.59 5.97
N MET B 117 9.51 1.75 6.25
CA MET B 117 8.27 2.22 6.86
C MET B 117 8.57 2.78 8.25
N ILE B 118 7.57 3.48 8.82
CA ILE B 118 7.73 4.02 10.18
C ILE B 118 7.85 2.89 11.18
N LEU B 119 8.80 2.97 12.10
CA LEU B 119 8.99 2.07 13.22
C LEU B 119 8.88 2.83 14.53
N GLY B 120 7.94 2.47 15.38
CA GLY B 120 7.81 2.97 16.73
C GLY B 120 8.16 1.88 17.73
N VAL B 121 8.80 2.30 18.84
CA VAL B 121 9.18 1.38 19.89
C VAL B 121 8.75 1.95 21.23
N SER B 122 8.03 1.16 22.02
CA SER B 122 7.73 1.51 23.41
C SER B 122 9.00 1.38 24.27
N ALA B 123 9.30 2.36 25.09
CA ALA B 123 10.48 2.33 25.95
C ALA B 123 10.13 2.92 27.30
N HIS B 124 10.79 2.36 28.32
CA HIS B 124 10.44 2.74 29.72
C HIS B 124 11.66 3.21 30.52
N THR B 125 12.87 3.07 30.02
CA THR B 125 14.09 3.48 30.70
C THR B 125 15.04 4.14 29.70
N MET B 126 16.04 4.88 30.21
CA MET B 126 16.99 5.52 29.35
C MET B 126 17.75 4.53 28.46
N SER B 127 18.16 3.40 29.00
CA SER B 127 18.81 2.34 28.23
C SER B 127 17.97 1.86 27.04
N GLU B 128 16.70 1.61 27.19
CA GLU B 128 15.73 1.23 26.20
C GLU B 128 15.60 2.35 25.17
N VAL B 129 15.53 3.63 25.56
CA VAL B 129 15.46 4.74 24.62
C VAL B 129 16.70 4.73 23.72
N LYS B 130 17.89 4.66 24.32
CA LYS B 130 19.11 4.65 23.52
C LYS B 130 19.19 3.42 22.63
N GLN B 131 18.79 2.25 23.14
CA GLN B 131 18.85 1.08 22.27
C GLN B 131 17.88 1.19 21.10
N ALA B 132 16.70 1.80 21.28
CA ALA B 132 15.71 1.95 20.22
C ALA B 132 16.31 2.84 19.14
N GLU B 133 16.92 3.92 19.54
CA GLU B 133 17.54 4.84 18.60
C GLU B 133 18.57 4.06 17.76
N GLU B 134 19.47 3.34 18.45
CA GLU B 134 20.52 2.62 17.73
C GLU B 134 19.97 1.55 16.80
N ASP B 135 18.86 0.90 17.18
CA ASP B 135 18.20 -0.10 16.37
C ASP B 135 17.46 0.42 15.14
N GLY B 136 17.27 1.74 15.02
CA GLY B 136 16.56 2.25 13.84
C GLY B 136 15.14 2.66 14.07
N ALA B 137 14.71 2.81 15.31
CA ALA B 137 13.36 3.35 15.55
C ALA B 137 13.24 4.78 15.02
N ASP B 138 12.11 5.10 14.42
CA ASP B 138 11.76 6.45 14.00
C ASP B 138 11.14 7.29 15.12
N TYR B 139 10.51 6.68 16.13
CA TYR B 139 10.00 7.36 17.30
C TYR B 139 9.95 6.38 18.47
N VAL B 140 9.89 6.92 19.68
CA VAL B 140 9.66 6.14 20.89
C VAL B 140 8.35 6.58 21.58
N GLY B 141 7.62 5.61 22.12
CA GLY B 141 6.45 5.86 22.95
C GLY B 141 6.84 5.66 24.41
N LEU B 142 6.76 6.75 25.19
CA LEU B 142 7.24 6.77 26.55
C LEU B 142 6.05 6.88 27.51
N GLY B 143 6.04 6.01 28.51
CA GLY B 143 5.04 5.95 29.52
C GLY B 143 5.14 4.74 30.43
N PRO B 144 4.13 4.45 31.20
CA PRO B 144 2.90 5.22 31.30
C PRO B 144 3.09 6.54 32.05
N ILE B 145 2.66 7.64 31.46
CA ILE B 145 2.81 8.97 32.05
C ILE B 145 1.90 9.09 33.29
N TYR B 146 0.63 8.71 33.15
CA TYR B 146 -0.42 8.82 34.15
C TYR B 146 -1.06 7.44 34.33
N PRO B 147 -1.79 7.21 35.41
CA PRO B 147 -2.42 5.89 35.56
C PRO B 147 -3.44 5.61 34.44
N THR B 148 -3.47 4.34 34.12
CA THR B 148 -4.33 3.79 33.08
C THR B 148 -4.56 2.32 33.31
N GLU B 149 -5.73 1.85 32.89
CA GLU B 149 -6.06 0.43 32.96
C GLU B 149 -6.52 -0.09 31.60
N THR B 150 -6.35 0.74 30.57
CA THR B 150 -6.82 0.27 29.26
C THR B 150 -6.03 -0.92 28.76
N LYS B 151 -4.70 -0.80 28.94
CA LYS B 151 -3.72 -1.86 28.75
C LYS B 151 -3.49 -2.58 30.08
N LYS B 152 -3.55 -3.89 30.02
CA LYS B 152 -3.49 -4.74 31.20
C LYS B 152 -2.13 -4.91 31.84
N ASP B 153 -1.03 -5.07 31.10
CA ASP B 153 0.22 -5.32 31.84
C ASP B 153 1.20 -4.17 31.67
N THR B 154 1.06 -3.16 32.51
CA THR B 154 1.74 -1.89 32.36
C THR B 154 2.91 -1.77 33.30
N ARG B 155 4.01 -1.15 32.83
CA ARG B 155 5.15 -0.82 33.66
C ARG B 155 4.72 0.27 34.65
N ALA B 156 5.55 0.59 35.65
CA ALA B 156 5.09 1.55 36.66
C ALA B 156 4.96 2.96 36.09
N VAL B 157 4.06 3.74 36.67
CA VAL B 157 3.82 5.10 36.22
C VAL B 157 5.06 5.97 36.39
N GLN B 158 5.39 6.79 35.39
CA GLN B 158 6.69 7.52 35.44
C GLN B 158 6.47 9.00 35.25
N GLY B 159 5.27 9.54 35.12
CA GLY B 159 5.09 10.96 34.90
C GLY B 159 5.87 11.41 33.66
N VAL B 160 6.36 12.64 33.65
CA VAL B 160 7.20 13.15 32.55
C VAL B 160 8.67 12.97 32.85
N SER B 161 9.08 12.20 33.82
CA SER B 161 10.46 12.10 34.26
C SER B 161 11.36 11.56 33.16
N LEU B 162 11.01 10.56 32.38
CA LEU B 162 11.89 10.01 31.36
C LEU B 162 11.97 10.96 30.19
N ILE B 163 10.90 11.59 29.76
CA ILE B 163 10.88 12.58 28.68
C ILE B 163 11.87 13.69 28.96
N GLU B 164 11.82 14.17 30.22
CA GLU B 164 12.72 15.26 30.62
C GLU B 164 14.16 14.82 30.67
N ALA B 165 14.45 13.63 31.16
CA ALA B 165 15.81 13.11 31.20
C ALA B 165 16.40 12.87 29.83
N VAL B 166 15.63 12.38 28.89
CA VAL B 166 16.05 12.17 27.51
C VAL B 166 16.43 13.51 26.88
N ARG B 167 15.61 14.49 27.03
CA ARG B 167 15.91 15.81 26.44
C ARG B 167 17.06 16.53 27.16
N ARG B 168 17.20 16.35 28.47
CA ARG B 168 18.32 17.00 29.17
C ARG B 168 19.65 16.47 28.70
N GLN B 169 19.76 15.25 28.25
CA GLN B 169 20.92 14.59 27.71
C GLN B 169 21.12 14.92 26.23
N GLY B 170 20.28 15.69 25.57
CA GLY B 170 20.48 16.11 24.18
C GLY B 170 20.03 15.11 23.15
N ILE B 171 19.27 14.11 23.54
CA ILE B 171 18.70 13.09 22.64
C ILE B 171 17.53 13.68 21.88
N SER B 172 17.53 13.70 20.56
CA SER B 172 16.55 14.41 19.74
C SER B 172 15.55 13.49 19.07
N ILE B 173 15.57 12.22 19.38
CA ILE B 173 14.59 11.28 18.81
C ILE B 173 13.16 11.78 18.99
N PRO B 174 12.27 11.59 18.01
CA PRO B 174 10.84 11.94 18.22
C PRO B 174 10.23 11.10 19.34
N ILE B 175 9.51 11.81 20.23
CA ILE B 175 8.87 11.23 21.42
C ILE B 175 7.36 11.46 21.44
N VAL B 176 6.59 10.42 21.72
CA VAL B 176 5.16 10.53 22.01
C VAL B 176 4.92 10.02 23.41
N GLY B 177 4.22 10.81 24.25
CA GLY B 177 3.85 10.30 25.58
C GLY B 177 2.57 9.48 25.52
N ILE B 178 2.44 8.50 26.39
CA ILE B 178 1.22 7.70 26.44
C ILE B 178 0.90 7.21 27.84
N GLY B 179 -0.39 7.06 28.11
CA GLY B 179 -0.86 6.40 29.30
C GLY B 179 -1.68 7.36 30.13
N GLY B 180 -2.97 7.24 30.19
CA GLY B 180 -3.88 8.07 30.90
C GLY B 180 -3.92 9.52 30.53
N ILE B 181 -3.62 9.80 29.24
CA ILE B 181 -3.64 11.17 28.75
C ILE B 181 -5.02 11.63 28.41
N THR B 182 -5.42 12.81 28.89
CA THR B 182 -6.64 13.51 28.63
C THR B 182 -6.41 14.93 28.08
N ILE B 183 -7.45 15.62 27.65
CA ILE B 183 -7.29 17.02 27.24
C ILE B 183 -6.74 17.84 28.38
N ASP B 184 -7.17 17.54 29.59
CA ASP B 184 -6.75 18.35 30.73
C ASP B 184 -5.32 18.16 31.16
N ASN B 185 -4.65 17.04 30.89
CA ASN B 185 -3.33 16.79 31.40
C ASN B 185 -2.28 16.65 30.30
N ALA B 186 -2.69 17.00 29.07
CA ALA B 186 -1.80 16.79 27.92
C ALA B 186 -0.71 17.83 27.83
N ALA B 187 -0.99 19.09 28.07
CA ALA B 187 -0.03 20.15 27.93
C ALA B 187 1.27 19.93 28.66
N PRO B 188 1.36 19.51 29.92
CA PRO B 188 2.69 19.29 30.52
C PRO B 188 3.50 18.20 29.82
N VAL B 189 2.87 17.23 29.12
CA VAL B 189 3.67 16.25 28.36
C VAL B 189 4.48 16.94 27.26
N ILE B 190 3.81 17.82 26.52
CA ILE B 190 4.51 18.65 25.53
C ILE B 190 5.56 19.54 26.19
N GLN B 191 5.22 20.21 27.30
CA GLN B 191 6.16 21.12 27.95
C GLN B 191 7.41 20.44 28.42
N ALA B 192 7.32 19.17 28.79
CA ALA B 192 8.46 18.34 29.18
C ALA B 192 9.40 18.02 28.02
N GLY B 193 8.93 18.12 26.77
CA GLY B 193 9.81 17.83 25.64
C GLY B 193 9.21 16.85 24.66
N ALA B 194 7.97 16.36 24.80
CA ALA B 194 7.35 15.42 23.87
C ALA B 194 6.92 16.16 22.60
N ASP B 195 6.92 15.39 21.49
CA ASP B 195 6.46 15.91 20.21
C ASP B 195 4.99 15.61 19.98
N GLY B 196 4.30 14.96 20.92
CA GLY B 196 2.90 14.67 20.80
C GLY B 196 2.39 13.82 21.97
N VAL B 197 1.09 13.61 21.97
CA VAL B 197 0.44 12.73 22.95
C VAL B 197 -0.34 11.65 22.19
N SER B 198 -0.42 10.46 22.76
CA SER B 198 -1.21 9.35 22.28
C SER B 198 -2.24 8.95 23.31
N MET B 199 -3.42 8.53 22.82
CA MET B 199 -4.54 8.19 23.70
C MET B 199 -5.46 7.14 23.07
N ILE B 200 -6.11 6.40 23.95
CA ILE B 200 -7.24 5.51 23.65
C ILE B 200 -8.54 6.07 24.16
N SER B 201 -8.80 5.89 25.46
CA SER B 201 -10.09 6.17 26.11
C SER B 201 -10.55 7.59 25.96
N ALA B 202 -9.69 8.59 26.15
CA ALA B 202 -10.15 9.95 26.07
C ALA B 202 -10.89 10.33 24.79
N ILE B 203 -10.64 9.58 23.72
CA ILE B 203 -11.37 9.79 22.47
C ILE B 203 -12.34 8.64 22.28
N SER B 204 -12.02 7.39 22.45
CA SER B 204 -12.88 6.27 22.08
C SER B 204 -14.09 6.14 22.97
N GLN B 205 -14.05 6.64 24.21
CA GLN B 205 -15.20 6.55 25.11
C GLN B 205 -15.85 7.91 25.27
N ALA B 206 -15.47 8.88 24.46
CA ALA B 206 -16.03 10.22 24.61
C ALA B 206 -17.43 10.20 23.98
N GLU B 207 -18.26 11.12 24.48
CA GLU B 207 -19.62 11.12 23.91
C GLU B 207 -19.57 11.82 22.56
N ASP B 208 -18.54 12.64 22.33
CA ASP B 208 -18.32 13.21 21.00
C ASP B 208 -16.86 13.05 20.59
N PRO B 209 -16.50 11.93 19.95
CA PRO B 209 -15.09 11.71 19.58
C PRO B 209 -14.53 12.76 18.63
N GLU B 210 -15.29 13.32 17.67
CA GLU B 210 -14.79 14.38 16.81
C GLU B 210 -14.36 15.60 17.61
N SER B 211 -15.23 16.06 18.53
CA SER B 211 -14.93 17.24 19.34
C SER B 211 -13.72 17.01 20.20
N ALA B 212 -13.65 15.79 20.74
CA ALA B 212 -12.51 15.41 21.56
C ALA B 212 -11.17 15.46 20.83
N ALA B 213 -11.17 14.92 19.61
CA ALA B 213 -9.99 15.02 18.76
C ALA B 213 -9.65 16.46 18.44
N ARG B 214 -10.66 17.31 18.21
CA ARG B 214 -10.40 18.67 17.81
C ARG B 214 -9.88 19.48 18.98
N LYS B 215 -10.37 19.16 20.19
CA LYS B 215 -9.85 19.83 21.36
C LYS B 215 -8.39 19.43 21.64
N PHE B 216 -8.08 18.13 21.53
CA PHE B 216 -6.67 17.71 21.60
C PHE B 216 -5.81 18.46 20.59
N ARG B 217 -6.22 18.54 19.32
CA ARG B 217 -5.40 19.14 18.29
C ARG B 217 -5.13 20.62 18.58
N GLU B 218 -6.18 21.34 19.05
CA GLU B 218 -5.97 22.76 19.38
C GLU B 218 -5.01 22.95 20.55
N GLU B 219 -5.19 22.17 21.60
CA GLU B 219 -4.31 22.25 22.77
C GLU B 219 -2.89 21.93 22.41
N ILE B 220 -2.64 20.84 21.64
CA ILE B 220 -1.26 20.47 21.34
C ILE B 220 -0.60 21.49 20.42
N GLN B 221 -1.39 22.03 19.48
CA GLN B 221 -0.74 23.02 18.59
C GLN B 221 -0.41 24.30 19.34
N THR B 222 -1.18 24.66 20.33
CA THR B 222 -0.84 25.85 21.15
C THR B 222 0.47 25.66 21.87
N TYR B 223 0.68 24.48 22.47
CA TYR B 223 1.89 24.27 23.24
C TYR B 223 3.11 23.93 22.38
N LYS B 224 2.86 23.41 21.19
CA LYS B 224 4.01 23.13 20.28
C LYS B 224 4.48 24.41 19.60
N THR B 225 3.61 25.39 19.48
CA THR B 225 4.04 26.68 18.93
C THR B 225 5.05 27.32 19.87
N GLY B 226 4.89 27.10 21.19
CA GLY B 226 5.73 27.80 22.14
C GLY B 226 6.94 27.01 22.60
N ARG B 227 6.96 25.74 22.26
#